data_4TT1
#
_entry.id   4TT1
#
_cell.length_a   110.217
_cell.length_b   110.217
_cell.length_c   159.939
_cell.angle_alpha   90.00
_cell.angle_beta   90.00
_cell.angle_gamma   120.00
#
_symmetry.space_group_name_H-M   'P 61 2 2'
#
loop_
_entity.id
_entity.type
_entity.pdbx_description
1 polymer Deneddylase
2 non-polymer 'PHOSPHATE ION'
3 water water
#
_entity_poly.entity_id   1
_entity_poly.type   'polypeptide(L)'
_entity_poly.pdbx_seq_one_letter_code
;GPLGSAKQQRAEATERVTAGLREVLAARERRAQLEAEGLANLKTLLKVVAVPATVAKTLDQARSAEEIADQVEILVDQTE
KARELDVQAVAWLEHAQRTFETHPLSAASGDGPGLLTRQGARLQALFDTRRRVEALRR
;
_entity_poly.pdbx_strand_id   A,B
#
loop_
_chem_comp.id
_chem_comp.type
_chem_comp.name
_chem_comp.formula
PO4 non-polymer 'PHOSPHATE ION' 'O4 P -3'
#
# COMPACT_ATOMS: atom_id res chain seq x y z
N ALA A 6 64.85 13.23 -40.43
CA ALA A 6 64.48 13.47 -39.05
C ALA A 6 63.18 14.26 -39.01
N LYS A 7 63.12 15.32 -39.81
CA LYS A 7 61.92 16.13 -39.97
C LYS A 7 60.69 15.32 -40.45
N GLN A 8 60.93 14.30 -41.28
CA GLN A 8 59.86 13.44 -41.81
C GLN A 8 59.04 12.75 -40.72
N GLN A 9 59.70 12.38 -39.63
CA GLN A 9 59.07 11.64 -38.55
C GLN A 9 58.26 12.55 -37.61
N ARG A 10 58.61 13.83 -37.56
CA ARG A 10 57.89 14.83 -36.76
C ARG A 10 56.57 15.28 -37.42
N ALA A 11 56.60 15.45 -38.74
CA ALA A 11 55.39 15.76 -39.52
C ALA A 11 54.38 14.61 -39.46
N GLU A 12 54.88 13.40 -39.69
CA GLU A 12 54.09 12.17 -39.65
C GLU A 12 53.46 11.93 -38.28
N ALA A 13 54.14 12.38 -37.23
CA ALA A 13 53.64 12.25 -35.85
C ALA A 13 52.54 13.26 -35.51
N THR A 14 52.67 14.51 -35.96
CA THR A 14 51.63 15.52 -35.76
C THR A 14 50.33 15.06 -36.42
N GLU A 15 50.46 14.38 -37.55
CA GLU A 15 49.30 13.87 -38.30
C GLU A 15 48.66 12.60 -37.70
N ARG A 16 49.48 11.68 -37.17
CA ARG A 16 48.98 10.45 -36.54
C ARG A 16 48.12 10.77 -35.29
N VAL A 17 48.37 11.92 -34.67
CA VAL A 17 47.62 12.41 -33.52
C VAL A 17 46.25 12.98 -33.92
N THR A 18 46.26 13.87 -34.92
CA THR A 18 45.04 14.42 -35.51
C THR A 18 44.10 13.35 -36.12
N ALA A 19 44.69 12.41 -36.85
CA ALA A 19 43.92 11.28 -37.36
C ALA A 19 43.43 10.42 -36.19
N GLY A 20 44.28 10.30 -35.17
CA GLY A 20 43.93 9.57 -33.97
C GLY A 20 42.72 10.18 -33.26
N LEU A 21 42.74 11.50 -33.10
CA LEU A 21 41.59 12.18 -32.51
C LEU A 21 40.34 11.98 -33.37
N ARG A 22 40.50 12.13 -34.69
CA ARG A 22 39.39 11.98 -35.62
C ARG A 22 38.77 10.60 -35.45
N GLU A 23 39.63 9.60 -35.30
CA GLU A 23 39.18 8.21 -35.16
C GLU A 23 38.52 8.00 -33.82
N VAL A 24 39.12 8.56 -32.77
CA VAL A 24 38.53 8.47 -31.44
C VAL A 24 37.17 9.16 -31.36
N LEU A 25 37.08 10.41 -31.84
CA LEU A 25 35.81 11.12 -31.85
C LEU A 25 34.77 10.34 -32.69
N ALA A 26 35.19 9.82 -33.85
CA ALA A 26 34.28 9.08 -34.71
C ALA A 26 33.79 7.78 -34.07
N ALA A 27 34.69 7.05 -33.44
CA ALA A 27 34.31 5.79 -32.81
C ALA A 27 33.35 6.06 -31.65
N ARG A 28 33.57 7.17 -30.93
CA ARG A 28 32.68 7.53 -29.84
C ARG A 28 31.27 7.88 -30.36
N GLU A 29 31.17 8.72 -31.39
CA GLU A 29 29.85 9.11 -31.93
C GLU A 29 29.08 7.90 -32.44
N ARG A 30 29.81 6.89 -32.92
CA ARG A 30 29.20 5.68 -33.45
C ARG A 30 28.74 4.73 -32.34
N ARG A 31 29.55 4.62 -31.30
CA ARG A 31 29.21 3.82 -30.14
C ARG A 31 28.00 4.43 -29.45
N ALA A 32 27.94 5.75 -29.40
CA ALA A 32 26.81 6.46 -28.82
C ALA A 32 25.52 6.12 -29.51
N GLN A 33 25.50 6.29 -30.82
CA GLN A 33 24.29 6.08 -31.61
C GLN A 33 23.80 4.65 -31.49
N LEU A 34 24.73 3.71 -31.45
CA LEU A 34 24.35 2.32 -31.33
C LEU A 34 23.82 2.02 -29.92
N GLU A 35 24.51 2.53 -28.90
CA GLU A 35 24.05 2.32 -27.54
C GLU A 35 22.65 2.86 -27.35
N ALA A 36 22.35 3.95 -28.03
CA ALA A 36 21.01 4.55 -27.98
C ALA A 36 20.00 3.57 -28.49
N GLU A 37 20.33 2.97 -29.64
CA GLU A 37 19.49 1.97 -30.27
C GLU A 37 19.32 0.81 -29.28
N GLY A 38 20.42 0.44 -28.63
CA GLY A 38 20.38 -0.61 -27.62
C GLY A 38 19.47 -0.29 -26.44
N LEU A 39 19.44 0.98 -26.06
CA LEU A 39 18.64 1.41 -24.95
C LEU A 39 17.17 1.38 -25.35
N ALA A 40 16.90 1.85 -26.57
CA ALA A 40 15.55 1.84 -27.14
C ALA A 40 14.99 0.43 -27.23
N ASN A 41 15.85 -0.50 -27.62
CA ASN A 41 15.43 -1.87 -27.78
C ASN A 41 15.33 -2.60 -26.45
N LEU A 42 16.16 -2.21 -25.48
CA LEU A 42 16.06 -2.74 -24.12
C LEU A 42 14.69 -2.44 -23.56
N LYS A 43 14.30 -1.18 -23.70
CA LYS A 43 12.97 -0.75 -23.28
C LYS A 43 11.91 -1.60 -24.00
N THR A 44 12.05 -1.79 -25.30
CA THR A 44 11.09 -2.62 -26.03
C THR A 44 11.05 -4.03 -25.42
N LEU A 45 12.21 -4.63 -25.20
CA LEU A 45 12.27 -6.00 -24.66
C LEU A 45 11.63 -6.11 -23.30
N LEU A 46 11.87 -5.11 -22.45
CA LEU A 46 11.32 -5.10 -21.10
C LEU A 46 9.80 -5.04 -21.15
N LYS A 47 9.24 -4.37 -22.15
CA LYS A 47 7.78 -4.19 -22.26
C LYS A 47 6.99 -5.41 -22.77
N VAL A 48 7.69 -6.47 -23.14
CA VAL A 48 7.03 -7.68 -23.66
C VAL A 48 6.09 -8.29 -22.63
N VAL A 49 6.49 -8.20 -21.37
CA VAL A 49 5.66 -8.55 -20.20
C VAL A 49 5.15 -7.24 -19.57
N ALA A 50 3.88 -7.23 -19.21
CA ALA A 50 3.22 -6.00 -18.75
C ALA A 50 3.99 -5.28 -17.65
N VAL A 51 4.19 -3.98 -17.81
CA VAL A 51 4.97 -3.18 -16.86
C VAL A 51 4.14 -2.52 -15.77
N PRO A 52 4.44 -2.80 -14.49
CA PRO A 52 3.83 -2.10 -13.35
C PRO A 52 3.70 -0.60 -13.59
N ALA A 53 2.54 -0.04 -13.25
CA ALA A 53 2.21 1.33 -13.60
C ALA A 53 3.22 2.32 -13.03
N THR A 54 3.67 2.01 -11.82
CA THR A 54 4.70 2.74 -11.12
C THR A 54 5.86 3.23 -11.98
N VAL A 55 6.42 2.27 -12.71
CA VAL A 55 7.68 2.41 -13.38
C VAL A 55 7.47 2.70 -14.87
N ALA A 56 6.35 2.21 -15.40
CA ALA A 56 6.06 2.37 -16.80
C ALA A 56 6.19 3.81 -17.22
N LYS A 57 5.55 4.70 -16.48
CA LYS A 57 5.50 6.10 -16.87
C LYS A 57 6.89 6.76 -16.75
N THR A 58 7.85 6.03 -16.20
CA THR A 58 9.19 6.57 -15.93
C THR A 58 10.24 5.79 -16.70
N LEU A 59 9.87 4.58 -17.08
CA LEU A 59 10.76 3.68 -17.79
C LEU A 59 11.16 4.23 -19.14
N ASP A 60 10.19 4.83 -19.82
CA ASP A 60 10.44 5.36 -21.14
C ASP A 60 11.39 6.53 -21.10
N GLN A 61 11.34 7.33 -20.03
CA GLN A 61 12.17 8.53 -19.96
C GLN A 61 13.60 8.21 -19.58
N ALA A 62 13.84 7.00 -19.10
CA ALA A 62 15.17 6.57 -18.67
C ALA A 62 16.21 6.80 -19.78
N ARG A 63 17.33 7.41 -19.39
CA ARG A 63 18.33 7.90 -20.33
C ARG A 63 19.54 6.97 -20.49
N SER A 64 19.56 5.90 -19.69
CA SER A 64 20.57 4.84 -19.79
C SER A 64 20.09 3.56 -19.11
N ALA A 65 20.77 2.44 -19.37
CA ALA A 65 20.41 1.15 -18.74
C ALA A 65 20.51 1.23 -17.21
N GLU A 66 21.45 2.05 -16.75
CA GLU A 66 21.68 2.28 -15.34
C GLU A 66 20.41 2.88 -14.71
N GLU A 67 19.83 3.89 -15.36
CA GLU A 67 18.61 4.51 -14.85
C GLU A 67 17.47 3.49 -14.79
N ILE A 68 17.40 2.60 -15.77
CA ILE A 68 16.39 1.52 -15.75
C ILE A 68 16.60 0.59 -14.55
N ALA A 69 17.85 0.22 -14.29
CA ALA A 69 18.17 -0.62 -13.13
C ALA A 69 17.80 0.06 -11.81
N ASP A 70 18.03 1.36 -11.72
CA ASP A 70 17.66 2.12 -10.53
C ASP A 70 16.15 2.05 -10.35
N GLN A 71 15.45 2.15 -11.48
CA GLN A 71 14.00 2.14 -11.48
C GLN A 71 13.48 0.77 -11.06
N VAL A 72 14.29 -0.26 -11.34
CA VAL A 72 13.96 -1.61 -10.91
C VAL A 72 14.06 -1.73 -9.41
N GLU A 73 15.17 -1.21 -8.87
CA GLU A 73 15.44 -1.20 -7.44
C GLU A 73 14.31 -0.55 -6.68
N ILE A 74 13.89 0.61 -7.20
CA ILE A 74 12.76 1.34 -6.62
C ILE A 74 11.54 0.42 -6.55
N LEU A 75 11.21 -0.23 -7.65
CA LEU A 75 10.07 -1.15 -7.69
C LEU A 75 10.21 -2.31 -6.70
N VAL A 76 11.41 -2.85 -6.58
CA VAL A 76 11.66 -3.94 -5.64
C VAL A 76 11.43 -3.45 -4.21
N ASP A 77 11.90 -2.25 -3.90
CA ASP A 77 11.69 -1.62 -2.61
C ASP A 77 10.21 -1.45 -2.27
N GLN A 78 9.46 -0.86 -3.19
CA GLN A 78 8.01 -0.69 -3.05
C GLN A 78 7.28 -1.99 -2.84
N THR A 79 7.81 -3.05 -3.42
CA THR A 79 7.15 -4.33 -3.42
C THR A 79 7.39 -5.07 -2.11
N GLU A 80 8.54 -4.81 -1.50
CA GLU A 80 8.85 -5.34 -0.18
C GLU A 80 7.98 -4.70 0.92
N LYS A 81 7.81 -3.39 0.80
CA LYS A 81 7.06 -2.60 1.75
C LYS A 81 5.56 -2.90 1.69
N ALA A 82 5.07 -3.17 0.48
CA ALA A 82 3.70 -3.62 0.28
C ALA A 82 3.43 -4.96 1.00
N ARG A 83 4.43 -5.84 1.01
CA ARG A 83 4.26 -7.16 1.62
C ARG A 83 4.26 -7.08 3.15
N GLU A 84 4.95 -6.10 3.72
CA GLU A 84 4.94 -6.00 5.16
C GLU A 84 3.77 -5.15 5.66
N LEU A 85 3.22 -4.29 4.82
CA LEU A 85 1.93 -3.68 5.14
C LEU A 85 0.86 -4.75 5.18
N ASP A 86 1.02 -5.71 4.27
CA ASP A 86 0.13 -6.85 4.15
C ASP A 86 0.19 -7.68 5.43
N VAL A 87 1.41 -7.84 5.94
CA VAL A 87 1.64 -8.53 7.21
C VAL A 87 0.96 -7.81 8.38
N GLN A 88 1.07 -6.48 8.43
CA GLN A 88 0.34 -5.70 9.43
C GLN A 88 -1.14 -5.82 9.24
N ALA A 89 -1.58 -5.58 8.00
CA ALA A 89 -2.98 -5.47 7.69
C ALA A 89 -3.73 -6.73 8.11
N VAL A 90 -3.14 -7.89 7.83
CA VAL A 90 -3.77 -9.13 8.20
C VAL A 90 -3.79 -9.33 9.73
N ALA A 91 -2.70 -8.94 10.37
CA ALA A 91 -2.58 -9.02 11.83
C ALA A 91 -3.68 -8.20 12.50
N TRP A 92 -3.92 -7.00 11.97
CA TRP A 92 -4.90 -6.13 12.54
C TRP A 92 -6.30 -6.62 12.22
N LEU A 93 -6.50 -7.11 10.99
CA LEU A 93 -7.84 -7.57 10.60
C LEU A 93 -8.30 -8.79 11.40
N GLU A 94 -7.42 -9.74 11.69
CA GLU A 94 -7.87 -10.86 12.52
C GLU A 94 -8.09 -10.38 13.96
N HIS A 95 -7.36 -9.35 14.38
CA HIS A 95 -7.61 -8.73 15.68
C HIS A 95 -8.93 -7.98 15.66
N ALA A 96 -9.18 -7.24 14.59
CA ALA A 96 -10.40 -6.48 14.46
C ALA A 96 -11.60 -7.41 14.37
N GLN A 97 -11.44 -8.55 13.71
CA GLN A 97 -12.53 -9.51 13.57
C GLN A 97 -12.93 -10.03 14.94
N ARG A 98 -11.94 -10.53 15.67
CA ARG A 98 -12.11 -11.05 17.03
C ARG A 98 -12.79 -10.02 17.94
N THR A 99 -12.35 -8.76 17.86
CA THR A 99 -12.92 -7.68 18.65
C THR A 99 -14.40 -7.51 18.33
N PHE A 100 -14.72 -7.47 17.03
CA PHE A 100 -16.10 -7.29 16.58
C PHE A 100 -17.03 -8.42 17.01
N GLU A 101 -16.49 -9.65 17.10
CA GLU A 101 -17.29 -10.80 17.45
C GLU A 101 -17.85 -10.72 18.88
N THR A 102 -17.18 -9.97 19.76
CA THR A 102 -17.52 -9.99 21.19
C THR A 102 -18.08 -8.67 21.66
N HIS A 103 -17.86 -7.61 20.89
CA HIS A 103 -18.25 -6.31 21.38
C HIS A 103 -19.73 -6.06 21.20
N PRO A 104 -20.39 -5.57 22.26
CA PRO A 104 -21.85 -5.32 22.27
C PRO A 104 -22.38 -4.40 21.16
N LEU A 105 -21.59 -3.48 20.61
CA LEU A 105 -22.08 -2.59 19.56
C LEU A 105 -22.17 -3.26 18.18
N SER A 106 -21.57 -4.44 18.07
CA SER A 106 -21.37 -5.08 16.78
C SER A 106 -21.67 -6.57 16.74
N ALA A 107 -21.71 -7.20 17.90
CA ALA A 107 -21.79 -8.65 17.97
C ALA A 107 -23.12 -9.19 17.44
N ALA A 108 -23.06 -10.44 16.98
CA ALA A 108 -24.25 -11.17 16.55
C ALA A 108 -25.19 -11.36 17.73
N SER A 109 -26.32 -10.66 17.66
CA SER A 109 -27.30 -10.70 18.72
C SER A 109 -28.51 -11.52 18.30
N GLY A 110 -29.65 -11.23 18.91
CA GLY A 110 -30.90 -11.78 18.43
C GLY A 110 -31.45 -10.88 17.34
N ASP A 111 -30.76 -9.76 17.12
CA ASP A 111 -31.24 -8.70 16.24
C ASP A 111 -30.58 -8.76 14.86
N GLY A 112 -29.79 -9.80 14.63
CA GLY A 112 -29.12 -10.04 13.37
C GLY A 112 -27.66 -10.33 13.60
N PRO A 113 -26.95 -10.78 12.56
CA PRO A 113 -25.55 -11.20 12.75
C PRO A 113 -24.61 -10.03 13.04
N GLY A 114 -23.35 -10.35 13.28
CA GLY A 114 -22.35 -9.35 13.57
C GLY A 114 -22.10 -8.47 12.37
N LEU A 115 -21.59 -7.27 12.62
CA LEU A 115 -21.35 -6.33 11.53
C LEU A 115 -20.35 -6.85 10.51
N LEU A 116 -19.44 -7.72 10.94
CA LEU A 116 -18.45 -8.23 10.01
C LEU A 116 -18.75 -9.61 9.50
N THR A 117 -19.96 -10.12 9.75
CA THR A 117 -20.30 -11.44 9.24
C THR A 117 -20.40 -11.39 7.71
N ARG A 118 -20.90 -10.27 7.17
CA ARG A 118 -21.12 -10.19 5.73
C ARG A 118 -19.77 -10.20 5.00
N GLN A 119 -18.71 -9.93 5.75
CA GLN A 119 -17.35 -9.87 5.21
C GLN A 119 -16.52 -11.04 5.71
N GLY A 120 -17.17 -11.94 6.44
CA GLY A 120 -16.50 -13.11 6.98
C GLY A 120 -15.86 -13.96 5.89
N ALA A 121 -16.53 -14.04 4.76
CA ALA A 121 -16.05 -14.79 3.60
C ALA A 121 -14.66 -14.37 3.11
N ARG A 122 -14.53 -13.13 2.64
CA ARG A 122 -13.28 -12.63 2.05
C ARG A 122 -12.17 -12.46 3.09
N LEU A 123 -12.54 -12.33 4.37
CA LEU A 123 -11.52 -12.19 5.41
C LEU A 123 -10.70 -13.47 5.52
N GLN A 124 -11.39 -14.62 5.58
CA GLN A 124 -10.71 -15.91 5.68
C GLN A 124 -9.81 -16.18 4.48
N ALA A 125 -10.14 -15.59 3.33
CA ALA A 125 -9.29 -15.67 2.15
C ALA A 125 -7.91 -15.11 2.47
N LEU A 126 -7.90 -13.87 2.94
CA LEU A 126 -6.67 -13.17 3.31
C LEU A 126 -5.83 -13.91 4.35
N PHE A 127 -6.48 -14.51 5.35
CA PHE A 127 -5.75 -15.07 6.50
C PHE A 127 -4.93 -16.30 6.11
N ASP A 128 -5.49 -17.16 5.25
CA ASP A 128 -4.88 -18.45 4.91
C ASP A 128 -3.71 -18.32 3.92
N THR A 129 -3.88 -17.43 2.95
CA THR A 129 -2.84 -17.16 1.96
C THR A 129 -1.93 -16.01 2.40
N GLY B 1 -55.54 25.74 53.94
CA GLY B 1 -56.85 26.35 53.70
C GLY B 1 -57.56 25.71 52.53
N PRO B 2 -58.79 26.16 52.22
CA PRO B 2 -59.55 25.56 51.12
C PRO B 2 -58.85 25.72 49.75
N LEU B 3 -58.43 26.96 49.46
CA LEU B 3 -57.76 27.28 48.20
C LEU B 3 -56.39 26.62 48.07
N GLY B 4 -55.62 26.74 49.15
CA GLY B 4 -54.21 26.40 49.17
C GLY B 4 -53.85 24.93 49.08
N SER B 5 -54.65 24.07 49.69
CA SER B 5 -54.32 22.66 49.70
C SER B 5 -54.83 22.00 48.42
N ALA B 6 -55.85 22.61 47.80
CA ALA B 6 -56.35 22.17 46.50
C ALA B 6 -55.29 22.49 45.44
N LYS B 7 -54.80 23.72 45.48
CA LYS B 7 -53.72 24.15 44.61
C LYS B 7 -52.51 23.23 44.74
N GLN B 8 -52.23 22.78 45.96
CA GLN B 8 -51.12 21.86 46.24
C GLN B 8 -51.37 20.52 45.53
N GLN B 9 -52.62 20.08 45.41
CA GLN B 9 -52.92 18.79 44.81
C GLN B 9 -52.75 18.85 43.29
N ARG B 10 -52.91 20.03 42.72
CA ARG B 10 -52.73 20.24 41.28
C ARG B 10 -51.25 20.30 40.93
N ALA B 11 -50.49 20.96 41.79
CA ALA B 11 -49.04 21.07 41.64
C ALA B 11 -48.42 19.69 41.64
N GLU B 12 -48.78 18.87 42.64
CA GLU B 12 -48.23 17.52 42.72
C GLU B 12 -48.57 16.71 41.47
N ALA B 13 -49.73 17.00 40.86
CA ALA B 13 -50.15 16.31 39.65
C ALA B 13 -49.32 16.77 38.45
N THR B 14 -49.09 18.08 38.38
CA THR B 14 -48.25 18.66 37.34
C THR B 14 -46.84 18.07 37.43
N GLU B 15 -46.36 17.88 38.66
CA GLU B 15 -45.02 17.39 38.83
C GLU B 15 -44.90 15.92 38.51
N ARG B 16 -45.92 15.15 38.86
CA ARG B 16 -45.89 13.73 38.56
C ARG B 16 -45.79 13.51 37.05
N VAL B 17 -46.36 14.43 36.28
CA VAL B 17 -46.33 14.33 34.82
C VAL B 17 -44.96 14.73 34.31
N THR B 18 -44.50 15.90 34.74
CA THR B 18 -43.17 16.38 34.40
C THR B 18 -42.11 15.34 34.79
N ALA B 19 -42.28 14.74 35.95
CA ALA B 19 -41.37 13.70 36.40
C ALA B 19 -41.40 12.50 35.50
N GLY B 20 -42.58 12.21 34.95
CA GLY B 20 -42.73 11.11 34.00
C GLY B 20 -41.91 11.30 32.74
N LEU B 21 -42.00 12.46 32.10
CA LEU B 21 -41.19 12.75 30.93
C LEU B 21 -39.72 12.70 31.27
N ARG B 22 -39.40 13.31 32.39
CA ARG B 22 -38.04 13.45 32.81
C ARG B 22 -37.42 12.05 32.89
N GLU B 23 -38.21 11.10 33.39
CA GLU B 23 -37.77 9.72 33.57
C GLU B 23 -37.52 9.01 32.24
N VAL B 24 -38.44 9.19 31.29
CA VAL B 24 -38.34 8.62 29.96
C VAL B 24 -37.14 9.19 29.19
N LEU B 25 -37.04 10.52 29.21
CA LEU B 25 -35.98 11.23 28.55
C LEU B 25 -34.62 10.79 29.08
N ALA B 26 -34.54 10.66 30.40
CA ALA B 26 -33.28 10.26 31.02
C ALA B 26 -32.87 8.86 30.62
N ALA B 27 -33.86 7.99 30.40
CA ALA B 27 -33.53 6.61 30.02
C ALA B 27 -32.86 6.57 28.65
N ARG B 28 -33.35 7.45 27.78
CA ARG B 28 -32.83 7.64 26.43
C ARG B 28 -31.45 8.23 26.46
N GLU B 29 -31.30 9.34 27.18
CA GLU B 29 -30.01 10.04 27.27
C GLU B 29 -28.96 9.11 27.87
N ARG B 30 -29.38 8.21 28.74
CA ARG B 30 -28.42 7.30 29.35
C ARG B 30 -28.03 6.17 28.39
N ARG B 31 -28.99 5.67 27.61
CA ARG B 31 -28.70 4.61 26.64
C ARG B 31 -27.73 5.17 25.57
N ALA B 32 -27.93 6.42 25.21
CA ALA B 32 -27.04 7.12 24.30
C ALA B 32 -25.64 7.19 24.86
N GLN B 33 -25.50 7.73 26.07
CA GLN B 33 -24.19 7.97 26.65
C GLN B 33 -23.40 6.68 26.82
N LEU B 34 -24.11 5.60 27.14
CA LEU B 34 -23.47 4.31 27.33
C LEU B 34 -23.00 3.74 25.99
N GLU B 35 -23.83 3.84 24.95
CA GLU B 35 -23.42 3.41 23.61
C GLU B 35 -22.19 4.20 23.14
N ALA B 36 -22.14 5.49 23.48
CA ALA B 36 -20.98 6.33 23.18
C ALA B 36 -19.72 5.79 23.86
N GLU B 37 -19.83 5.49 25.15
CA GLU B 37 -18.74 4.91 25.91
C GLU B 37 -18.32 3.60 25.25
N GLY B 38 -19.30 2.85 24.76
CA GLY B 38 -19.02 1.60 24.08
C GLY B 38 -18.19 1.78 22.82
N LEU B 39 -18.45 2.87 22.12
CA LEU B 39 -17.76 3.11 20.88
C LEU B 39 -16.32 3.49 21.18
N ALA B 40 -16.15 4.35 22.19
CA ALA B 40 -14.83 4.82 22.62
C ALA B 40 -13.93 3.66 22.99
N ASN B 41 -14.53 2.67 23.66
CA ASN B 41 -13.75 1.54 24.13
C ASN B 41 -13.52 0.56 23.00
N LEU B 42 -14.45 0.51 22.06
CA LEU B 42 -14.27 -0.30 20.87
C LEU B 42 -12.99 0.14 20.18
N LYS B 43 -12.88 1.44 19.96
CA LYS B 43 -11.67 2.02 19.37
C LYS B 43 -10.42 1.69 20.19
N THR B 44 -10.48 1.86 21.51
CA THR B 44 -9.35 1.54 22.37
C THR B 44 -8.96 0.07 22.17
N LEU B 45 -9.95 -0.82 22.19
CA LEU B 45 -9.69 -2.24 22.01
C LEU B 45 -9.00 -2.56 20.67
N LEU B 46 -9.49 -1.92 19.61
CA LEU B 46 -8.94 -2.12 18.27
C LEU B 46 -7.48 -1.67 18.15
N LYS B 47 -7.11 -0.63 18.90
CA LYS B 47 -5.78 -0.07 18.81
C LYS B 47 -4.72 -0.85 19.57
N VAL B 48 -5.13 -1.89 20.27
CA VAL B 48 -4.18 -2.68 21.05
C VAL B 48 -3.16 -3.31 20.12
N VAL B 49 -3.64 -3.66 18.93
CA VAL B 49 -2.80 -4.07 17.81
C VAL B 49 -2.69 -2.90 16.83
N ALA B 50 -1.47 -2.65 16.36
CA ALA B 50 -1.18 -1.46 15.56
C ALA B 50 -2.12 -1.33 14.37
N VAL B 51 -2.66 -0.13 14.20
CA VAL B 51 -3.63 0.12 13.14
C VAL B 51 -2.97 0.68 11.88
N PRO B 52 -3.12 -0.03 10.74
CA PRO B 52 -2.68 0.45 9.43
C PRO B 52 -2.98 1.93 9.24
N ALA B 53 -2.05 2.69 8.68
CA ALA B 53 -2.20 4.13 8.57
C ALA B 53 -3.46 4.49 7.78
N THR B 54 -3.74 3.70 6.75
CA THR B 54 -4.99 3.78 5.97
C THR B 54 -6.24 4.03 6.79
N VAL B 55 -6.34 3.23 7.85
CA VAL B 55 -7.55 3.07 8.64
C VAL B 55 -7.51 3.99 9.85
N ALA B 56 -6.30 4.15 10.38
CA ALA B 56 -6.02 4.95 11.56
C ALA B 56 -6.49 6.40 11.45
N LYS B 57 -6.21 7.04 10.31
CA LYS B 57 -6.46 8.47 10.20
C LYS B 57 -7.96 8.76 10.23
N THR B 58 -8.79 7.72 10.11
CA THR B 58 -10.24 7.86 10.03
C THR B 58 -10.94 7.14 11.17
N LEU B 59 -10.23 6.22 11.82
CA LEU B 59 -10.82 5.37 12.86
C LEU B 59 -11.29 6.14 14.09
N ASP B 60 -10.52 7.12 14.52
CA ASP B 60 -10.86 7.88 15.72
C ASP B 60 -12.12 8.71 15.51
N GLN B 61 -12.32 9.17 14.28
CA GLN B 61 -13.47 10.04 13.97
C GLN B 61 -14.77 9.26 13.75
N ALA B 62 -14.66 7.94 13.63
CA ALA B 62 -15.80 7.07 13.36
C ALA B 62 -16.98 7.34 14.30
N ARG B 63 -18.19 7.46 13.74
CA ARG B 63 -19.34 7.86 14.52
C ARG B 63 -20.15 6.63 14.97
N SER B 64 -19.74 5.45 14.50
CA SER B 64 -20.35 4.19 14.93
C SER B 64 -19.49 3.01 14.60
N ALA B 65 -19.77 1.87 15.21
CA ALA B 65 -19.08 0.64 14.85
C ALA B 65 -19.28 0.31 13.35
N GLU B 66 -20.43 0.70 12.80
CA GLU B 66 -20.73 0.47 11.39
C GLU B 66 -19.71 1.19 10.49
N GLU B 67 -19.42 2.46 10.80
CA GLU B 67 -18.44 3.20 10.01
C GLU B 67 -17.08 2.53 10.10
N ILE B 68 -16.73 2.01 11.28
CA ILE B 68 -15.50 1.26 11.44
C ILE B 68 -15.53 0.00 10.59
N ALA B 69 -16.67 -0.69 10.57
CA ALA B 69 -16.84 -1.90 9.75
C ALA B 69 -16.63 -1.61 8.26
N ASP B 70 -17.19 -0.49 7.80
CA ASP B 70 -17.00 -0.04 6.44
C ASP B 70 -15.53 0.25 6.15
N GLN B 71 -14.85 0.83 7.14
CA GLN B 71 -13.44 1.18 7.03
C GLN B 71 -12.60 -0.10 6.94
N VAL B 72 -13.09 -1.18 7.53
CA VAL B 72 -12.49 -2.50 7.39
C VAL B 72 -12.65 -3.10 5.98
N GLU B 73 -13.87 -3.03 5.44
CA GLU B 73 -14.18 -3.55 4.10
C GLU B 73 -13.20 -2.92 3.11
N ILE B 74 -12.98 -1.62 3.27
CA ILE B 74 -12.01 -0.87 2.50
C ILE B 74 -10.61 -1.44 2.62
N LEU B 75 -10.14 -1.63 3.85
CA LEU B 75 -8.79 -2.15 4.05
C LEU B 75 -8.64 -3.51 3.38
N VAL B 76 -9.68 -4.33 3.50
CA VAL B 76 -9.64 -5.66 2.92
C VAL B 76 -9.48 -5.55 1.41
N ASP B 77 -10.25 -4.66 0.79
CA ASP B 77 -10.20 -4.45 -0.65
C ASP B 77 -8.82 -3.94 -1.09
N GLN B 78 -8.32 -2.91 -0.41
CA GLN B 78 -6.98 -2.40 -0.68
C GLN B 78 -5.92 -3.46 -0.59
N THR B 79 -6.12 -4.39 0.32
CA THR B 79 -5.11 -5.40 0.59
C THR B 79 -5.16 -6.50 -0.46
N GLU B 80 -6.36 -6.74 -1.00
CA GLU B 80 -6.55 -7.67 -2.10
C GLU B 80 -5.91 -7.14 -3.39
N LYS B 81 -6.12 -5.86 -3.63
CA LYS B 81 -5.60 -5.18 -4.80
C LYS B 81 -4.07 -5.03 -4.70
N ALA B 82 -3.55 -4.83 -3.50
CA ALA B 82 -2.10 -4.86 -3.28
C ALA B 82 -1.54 -6.24 -3.60
N ARG B 83 -2.28 -7.28 -3.26
CA ARG B 83 -1.79 -8.65 -3.46
C ARG B 83 -1.78 -9.09 -4.90
N GLU B 84 -2.62 -8.52 -5.74
CA GLU B 84 -2.60 -8.90 -7.15
C GLU B 84 -1.59 -8.03 -7.92
N LEU B 85 -1.30 -6.84 -7.40
CA LEU B 85 -0.17 -6.08 -7.91
C LEU B 85 1.15 -6.77 -7.59
N ASP B 86 1.18 -7.46 -6.45
CA ASP B 86 2.38 -8.19 -6.08
C ASP B 86 2.67 -9.23 -7.17
N VAL B 87 1.63 -9.89 -7.65
CA VAL B 87 1.78 -10.86 -8.73
C VAL B 87 2.31 -10.25 -10.04
N GLN B 88 1.78 -9.08 -10.41
CA GLN B 88 2.28 -8.36 -11.58
C GLN B 88 3.72 -7.96 -11.39
N ALA B 89 4.03 -7.33 -10.25
CA ALA B 89 5.37 -6.81 -10.03
C ALA B 89 6.42 -7.93 -10.10
N VAL B 90 6.12 -9.09 -9.53
CA VAL B 90 7.06 -10.22 -9.57
C VAL B 90 7.23 -10.82 -10.98
N ALA B 91 6.15 -10.91 -11.73
CA ALA B 91 6.21 -11.45 -13.10
C ALA B 91 7.16 -10.60 -13.95
N TRP B 92 7.06 -9.29 -13.76
CA TRP B 92 7.84 -8.38 -14.57
C TRP B 92 9.27 -8.33 -14.10
N LEU B 93 9.47 -8.38 -12.79
CA LEU B 93 10.82 -8.37 -12.25
C LEU B 93 11.55 -9.64 -12.67
N GLU B 94 10.83 -10.76 -12.75
CA GLU B 94 11.44 -12.00 -13.22
C GLU B 94 11.86 -11.88 -14.68
N HIS B 95 11.07 -11.15 -15.44
CA HIS B 95 11.34 -10.90 -16.85
C HIS B 95 12.50 -9.93 -17.02
N ALA B 96 12.51 -8.89 -16.22
CA ALA B 96 13.56 -7.87 -16.28
C ALA B 96 14.94 -8.40 -15.94
N GLN B 97 15.00 -9.30 -14.95
CA GLN B 97 16.25 -9.89 -14.56
C GLN B 97 16.77 -10.68 -15.78
N ARG B 98 15.91 -11.55 -16.31
CA ARG B 98 16.23 -12.38 -17.46
C ARG B 98 16.72 -11.53 -18.63
N THR B 99 16.02 -10.42 -18.90
CA THR B 99 16.41 -9.51 -19.97
C THR B 99 17.79 -8.91 -19.77
N PHE B 100 18.02 -8.40 -18.57
CA PHE B 100 19.26 -7.77 -18.22
C PHE B 100 20.46 -8.70 -18.32
N GLU B 101 20.30 -9.99 -18.02
CA GLU B 101 21.47 -10.87 -18.00
C GLU B 101 22.10 -11.03 -19.36
N THR B 102 21.31 -10.78 -20.41
CA THR B 102 21.72 -11.09 -21.77
C THR B 102 21.93 -9.85 -22.65
N HIS B 103 21.40 -8.71 -22.23
CA HIS B 103 21.48 -7.53 -23.06
C HIS B 103 22.84 -6.87 -22.95
N PRO B 104 23.44 -6.50 -24.08
CA PRO B 104 24.81 -5.94 -24.15
C PRO B 104 25.03 -4.69 -23.31
N LEU B 105 24.01 -3.89 -23.05
CA LEU B 105 24.17 -2.68 -22.25
C LEU B 105 24.26 -2.91 -20.75
N SER B 106 23.94 -4.13 -20.34
CA SER B 106 23.75 -4.43 -18.92
C SER B 106 24.39 -5.71 -18.51
N ALA B 107 24.71 -6.56 -19.47
CA ALA B 107 25.20 -7.89 -19.16
C ALA B 107 26.53 -7.81 -18.46
N ALA B 108 26.79 -8.83 -17.65
CA ALA B 108 28.09 -8.97 -17.04
C ALA B 108 29.05 -9.11 -18.18
N SER B 109 29.90 -8.10 -18.36
CA SER B 109 30.84 -8.11 -19.47
C SER B 109 32.21 -8.43 -18.92
N GLY B 110 33.26 -8.02 -19.61
CA GLY B 110 34.59 -8.10 -19.07
C GLY B 110 34.85 -6.91 -18.17
N ASP B 111 33.89 -5.99 -18.11
CA ASP B 111 34.06 -4.71 -17.42
C ASP B 111 33.44 -4.65 -16.03
N GLY B 112 32.92 -5.79 -15.57
CA GLY B 112 32.30 -5.85 -14.27
C GLY B 112 30.96 -6.54 -14.43
N PRO B 113 30.31 -6.86 -13.31
CA PRO B 113 29.11 -7.68 -13.35
C PRO B 113 27.91 -6.97 -13.97
N GLY B 114 26.81 -7.71 -14.10
CA GLY B 114 25.61 -7.17 -14.68
C GLY B 114 25.06 -6.09 -13.79
N LEU B 115 24.28 -5.18 -14.34
CA LEU B 115 23.76 -4.09 -13.55
C LEU B 115 22.85 -4.53 -12.39
N LEU B 116 22.17 -5.66 -12.56
CA LEU B 116 21.25 -6.16 -11.54
C LEU B 116 21.91 -7.26 -10.73
N THR B 117 23.22 -7.36 -10.87
CA THR B 117 23.96 -8.37 -10.17
C THR B 117 23.90 -8.11 -8.67
N ARG B 118 23.99 -6.83 -8.28
CA ARG B 118 24.05 -6.45 -6.89
C ARG B 118 22.71 -6.61 -6.21
N GLN B 119 21.66 -6.72 -7.02
CA GLN B 119 20.29 -6.84 -6.53
C GLN B 119 19.74 -8.24 -6.68
N GLY B 120 20.60 -9.16 -7.13
CA GLY B 120 20.19 -10.55 -7.28
C GLY B 120 19.72 -11.07 -5.94
N ALA B 121 20.37 -10.59 -4.89
CA ALA B 121 20.05 -10.94 -3.50
C ALA B 121 18.60 -10.68 -3.16
N ARG B 122 18.17 -9.43 -3.26
CA ARG B 122 16.82 -9.04 -2.86
C ARG B 122 15.78 -9.62 -3.81
N LEU B 123 16.21 -9.87 -5.05
CA LEU B 123 15.32 -10.38 -6.09
C LEU B 123 14.91 -11.83 -5.85
N GLN B 124 15.88 -12.70 -5.57
CA GLN B 124 15.59 -14.12 -5.33
C GLN B 124 14.74 -14.29 -4.08
N ALA B 125 14.87 -13.33 -3.16
CA ALA B 125 14.03 -13.29 -1.97
C ALA B 125 12.57 -13.17 -2.36
N LEU B 126 12.26 -12.12 -3.12
CA LEU B 126 10.90 -11.88 -3.60
C LEU B 126 10.32 -13.08 -4.33
N PHE B 127 11.16 -13.75 -5.11
CA PHE B 127 10.71 -14.80 -6.02
C PHE B 127 10.21 -16.08 -5.31
N ASP B 128 10.88 -16.51 -4.25
CA ASP B 128 10.55 -17.80 -3.64
C ASP B 128 9.26 -17.74 -2.81
N THR B 129 9.07 -16.66 -2.04
CA THR B 129 7.85 -16.49 -1.25
C THR B 129 6.76 -15.75 -2.04
P PO4 C . -35.64 4.80 19.38
O1 PO4 C . -35.05 6.18 19.48
O2 PO4 C . -36.14 4.66 17.97
O3 PO4 C . -36.76 4.68 20.38
O4 PO4 C . -34.61 3.74 19.71
P PO4 D . -53.79 26.41 38.18
O1 PO4 D . -54.73 27.21 37.30
O2 PO4 D . -54.09 26.74 39.63
O3 PO4 D . -52.37 26.80 37.84
O4 PO4 D . -54.00 24.93 37.91
#